data_1HDS
#
_entry.id   1HDS
#
_cell.length_a   163.500
_cell.length_b   70.830
_cell.length_c   65.950
_cell.angle_alpha   90.00
_cell.angle_beta   94.15
_cell.angle_gamma   90.00
#
_symmetry.space_group_name_H-M   'C 1 2 1'
#
loop_
_entity.id
_entity.type
_entity.pdbx_description
1 polymer 'HEMOGLOBIN S (DEOXY) (ALPHA CHAIN)'
2 polymer 'HEMOGLOBIN S (DEOXY) (BETA CHAIN)'
3 non-polymer 'PROTOPORPHYRIN IX CONTAINING FE'
#
loop_
_entity_poly.entity_id
_entity_poly.type
_entity_poly.pdbx_seq_one_letter_code
_entity_poly.pdbx_strand_id
1 'polypeptide(L)'
;VLSAANKSNVKAAWGKVGGNAPAYGAQALQRMFLSFPTTKTYFPHFDLSHGSAQQKAHGQKVANALTKAQGHLNDLPGTL
SNLSNLHAHKLRVNPVNFKLLSHSLLVTLASHLPTNFTPAVHANLNKFLANDSTVLTSKYR
;
A,C
2 'polypeptide(L)'
;MLTAEEKAAVTGFWGKVDVDVVGAQALGRLLVVYPWTQRFFQHFGNLSSAGAVMNNPKVKAHGKRVLDAFTQGLKHLDDL
KGAFAQLSGLHCNKLHVNPQNFRLLGNVLALVVARNFGGQFTPNVQALFQKVVAGVANALAHKYH
;
B,D
#
loop_
_chem_comp.id
_chem_comp.type
_chem_comp.name
_chem_comp.formula
HEM non-polymer 'PROTOPORPHYRIN IX CONTAINING FE' 'C34 H32 Fe N4 O4'
#
# COMPACT_ATOMS: atom_id res chain seq x y z
N VAL A 1 18.41 5.11 -10.19
CA VAL A 1 18.26 5.39 -8.67
C VAL A 1 17.81 3.69 -8.07
N LEU A 2 18.28 2.53 -8.17
CA LEU A 2 19.81 2.14 -7.74
C LEU A 2 21.21 3.62 -7.91
N SER A 3 21.00 4.39 -6.46
CA SER A 3 21.96 5.69 -6.76
C SER A 3 23.06 5.79 -6.09
N ALA A 4 23.85 6.40 -6.77
CA ALA A 4 25.52 6.01 -5.81
C ALA A 4 25.71 6.25 -4.52
N ALA A 5 24.95 7.07 -3.83
CA ALA A 5 25.71 6.93 -2.44
C ALA A 5 24.94 5.70 -1.69
N ASN A 6 23.51 5.58 -1.98
CA ASN A 6 22.37 4.64 -1.85
C ASN A 6 23.29 3.34 -1.50
N LYS A 7 23.80 2.88 -2.69
CA LYS A 7 24.63 1.71 -3.25
C LYS A 7 25.98 1.73 -1.91
N SER A 8 26.39 2.62 -1.89
CA SER A 8 27.74 3.10 -1.08
C SER A 8 27.05 3.41 -0.11
N ASN A 9 26.25 3.55 0.86
CA ASN A 9 25.73 3.12 2.55
C ASN A 9 25.31 1.77 2.41
N VAL A 10 24.55 1.33 1.45
CA VAL A 10 23.87 -0.12 1.15
C VAL A 10 25.25 -1.16 1.50
N LYS A 11 26.18 -1.16 0.89
CA LYS A 11 27.14 -2.05 0.93
C LYS A 11 28.27 -1.94 2.25
N ALA A 12 28.36 -0.26 2.23
CA ALA A 12 29.01 -0.14 3.69
C ALA A 12 28.58 -1.02 5.31
N ALA A 13 26.98 -0.86 4.99
CA ALA A 13 25.61 -1.38 5.77
C ALA A 13 25.99 -2.77 6.09
N TRP A 14 25.72 -3.60 5.19
CA TRP A 14 25.82 -4.75 4.53
C TRP A 14 26.89 -5.26 5.02
N GLY A 15 27.96 -4.97 4.97
CA GLY A 15 29.37 -4.80 5.25
C GLY A 15 29.56 -4.70 6.72
N LYS A 16 29.28 -4.72 8.22
CA LYS A 16 29.36 -4.41 9.57
C LYS A 16 28.79 -5.54 10.39
N VAL A 17 27.60 -6.25 9.31
CA VAL A 17 26.80 -7.26 9.10
C VAL A 17 27.86 -8.41 9.07
N GLY A 18 28.27 -8.83 7.98
CA GLY A 18 29.25 -9.93 7.72
C GLY A 18 28.30 -11.26 7.66
N GLY A 19 28.62 -12.18 8.37
CA GLY A 19 28.52 -13.60 8.63
C GLY A 19 27.37 -13.89 9.96
N ASN A 20 26.65 -12.74 10.35
CA ASN A 20 25.67 -12.21 11.14
C ASN A 20 24.46 -12.23 10.34
N ALA A 21 24.66 -12.02 8.95
CA ALA A 21 23.63 -11.77 7.85
C ALA A 21 22.88 -13.22 8.22
N PRO A 22 23.44 -14.08 8.33
CA PRO A 22 22.70 -15.38 8.62
C PRO A 22 21.67 -15.55 9.58
N ALA A 23 21.68 -14.88 10.72
CA ALA A 23 21.49 -14.49 11.87
C ALA A 23 20.40 -13.73 11.72
N TYR A 24 20.35 -12.74 10.82
CA TYR A 24 19.49 -11.57 10.59
C TYR A 24 18.75 -12.23 9.78
N GLY A 25 18.44 -12.89 8.55
CA GLY A 25 17.60 -13.46 7.96
C GLY A 25 16.27 -14.19 9.07
N ALA A 26 16.99 -15.16 9.41
CA ALA A 26 16.19 -15.71 10.54
C ALA A 26 15.84 -14.99 11.72
N GLN A 27 16.31 -13.67 12.07
CA GLN A 27 15.84 -13.00 13.24
C GLN A 27 14.57 -12.29 12.38
N ALA A 28 14.59 -11.86 11.22
CA ALA A 28 13.92 -11.41 10.45
C ALA A 28 12.62 -11.86 10.56
N LEU A 29 11.97 -12.84 10.68
CA LEU A 29 10.95 -14.12 10.34
C LEU A 29 10.99 -14.27 11.11
N GLN A 30 11.37 -14.69 12.46
CA GLN A 30 11.60 -15.09 13.85
C GLN A 30 10.37 -14.64 14.51
N ARG A 31 10.05 -13.45 14.18
CA ARG A 31 9.98 -12.02 13.83
C ARG A 31 9.19 -11.81 13.25
N MET A 32 8.90 -12.38 11.56
CA MET A 32 7.47 -11.49 10.76
C MET A 32 6.29 -12.30 11.19
N PHE A 33 6.75 -13.76 11.91
CA PHE A 33 5.94 -14.76 12.38
C PHE A 33 4.66 -14.33 13.41
N LEU A 34 5.10 -13.47 14.16
CA LEU A 34 4.75 -12.96 15.40
C LEU A 34 4.65 -11.51 15.06
N SER A 35 5.12 -11.07 13.84
CA SER A 35 4.51 -9.71 14.18
C SER A 35 3.63 -9.30 13.23
N PHE A 36 3.49 -9.93 11.88
CA PHE A 36 2.58 -9.82 10.66
C PHE A 36 2.04 -10.97 10.29
N PRO A 37 1.51 -11.89 11.49
CA PRO A 37 0.95 -13.31 11.53
C PRO A 37 0.38 -13.68 10.28
N THR A 38 -0.24 -12.99 9.63
CA THR A 38 -0.93 -13.57 8.27
C THR A 38 0.17 -14.25 7.30
N THR A 39 1.58 -13.79 7.31
CA THR A 39 2.66 -14.29 6.57
C THR A 39 2.74 -15.53 6.88
N LYS A 40 2.68 -16.28 7.78
CA LYS A 40 2.79 -17.56 8.43
C LYS A 40 2.06 -18.44 7.71
N THR A 41 1.29 -18.62 6.31
CA THR A 41 0.69 -19.28 5.85
C THR A 41 1.22 -19.85 4.81
N TYR A 42 2.24 -19.55 4.14
CA TYR A 42 3.54 -19.72 3.40
C TYR A 42 4.29 -20.68 4.18
N PHE A 43 4.04 -20.51 5.88
CA PHE A 43 4.98 -21.57 6.34
C PHE A 43 4.75 -22.82 7.25
N PRO A 44 3.63 -23.35 5.97
CA PRO A 44 3.03 -24.50 6.46
C PRO A 44 3.68 -25.64 7.47
N HIS A 45 4.66 -26.13 7.22
CA HIS A 45 5.76 -26.91 7.25
C HIS A 45 6.68 -26.91 8.28
N PHE A 46 6.74 -25.98 8.95
CA PHE A 46 7.55 -25.11 9.35
C PHE A 46 7.05 -24.69 10.39
N ASP A 47 7.57 -25.40 11.53
CA ASP A 47 8.12 -25.71 12.98
C ASP A 47 8.58 -24.09 13.12
N LEU A 48 7.86 -23.16 13.42
CA LEU A 48 8.31 -21.95 13.14
C LEU A 48 8.85 -21.96 14.56
N SER A 49 9.44 -23.02 15.28
CA SER A 49 9.93 -23.32 16.73
C SER A 49 9.24 -22.69 17.33
N HIS A 50 9.65 -21.44 17.65
CA HIS A 50 10.32 -20.36 18.11
C HIS A 50 11.48 -20.00 17.46
N GLY A 51 12.69 -20.28 17.93
CA GLY A 51 14.01 -20.15 17.26
C GLY A 51 14.21 -21.79 16.87
N SER A 52 13.99 -22.36 15.84
CA SER A 52 14.00 -23.52 15.00
C SER A 52 14.74 -23.81 13.72
N ALA A 53 15.57 -24.80 13.99
CA ALA A 53 16.49 -25.01 12.67
C ALA A 53 15.57 -24.97 11.57
N GLN A 54 14.27 -24.79 11.59
CA GLN A 54 13.67 -24.98 10.33
C GLN A 54 14.29 -23.67 9.68
N GLN A 55 13.85 -22.57 10.55
CA GLN A 55 13.79 -21.11 10.18
C GLN A 55 15.20 -20.24 9.71
N LYS A 56 16.14 -20.64 10.06
CA LYS A 56 17.42 -20.98 10.42
C LYS A 56 18.29 -21.34 9.32
N ALA A 57 18.05 -22.38 8.49
CA ALA A 57 18.50 -22.96 7.21
C ALA A 57 17.71 -21.94 6.55
N HIS A 58 16.41 -21.81 6.51
CA HIS A 58 15.64 -20.64 5.71
C HIS A 58 16.32 -19.32 5.76
N GLY A 59 16.68 -18.50 7.22
CA GLY A 59 16.85 -17.50 7.59
C GLY A 59 18.33 -17.46 6.70
N GLN A 60 19.06 -18.35 6.64
CA GLN A 60 20.39 -18.89 5.96
C GLN A 60 20.40 -18.13 4.35
N LYS A 61 19.51 -18.66 4.08
CA LYS A 61 19.05 -18.35 2.57
C LYS A 61 18.47 -17.06 1.92
N VAL A 62 17.30 -16.48 2.74
CA VAL A 62 16.84 -15.25 2.47
C VAL A 62 18.23 -14.58 2.76
N ALA A 63 19.23 -14.17 3.58
CA ALA A 63 20.58 -13.46 3.52
C ALA A 63 21.47 -13.93 2.77
N ASN A 64 21.84 -15.27 2.22
CA ASN A 64 22.95 -15.54 1.24
C ASN A 64 22.55 -14.56 -0.23
N ALA A 65 21.11 -14.48 -0.70
CA ALA A 65 20.70 -13.85 -1.78
C ALA A 65 20.73 -12.74 -1.53
N LEU A 66 20.39 -11.78 -0.46
CA LEU A 66 20.55 -10.61 0.12
C LEU A 66 21.88 -9.93 -0.30
N THR A 67 23.08 -10.64 0.00
CA THR A 67 24.18 -10.62 0.02
C THR A 67 25.13 -10.57 -1.53
N LYS A 68 24.63 -10.88 -2.27
CA LYS A 68 24.87 -10.89 -3.67
C LYS A 68 24.48 -9.75 -4.39
N ALA A 69 23.50 -9.64 -4.06
CA ALA A 69 22.20 -8.52 -4.45
C ALA A 69 22.75 -7.46 -4.01
N GLN A 70 23.48 -7.36 -2.75
CA GLN A 70 24.09 -6.12 -2.04
C GLN A 70 25.30 -5.83 -3.20
N GLY A 71 26.18 -7.03 -3.79
CA GLY A 71 27.14 -6.98 -4.34
C GLY A 71 26.99 -7.14 -5.66
N HIS A 72 25.79 -6.43 -6.33
CA HIS A 72 25.79 -6.14 -7.80
C HIS A 72 24.46 -5.57 -8.23
N LEU A 73 24.30 -4.43 -7.80
CA LEU A 73 23.27 -3.20 -7.73
C LEU A 73 23.79 -3.12 -9.15
N ASN A 74 23.31 -3.40 -10.10
CA ASN A 74 23.18 -3.15 -11.68
C ASN A 74 22.67 -4.25 -11.88
N ASP A 75 22.66 -5.37 -11.53
CA ASP A 75 22.05 -6.25 -12.75
C ASP A 75 21.01 -7.30 -12.02
N LEU A 76 20.29 -6.65 -10.93
CA LEU A 76 19.30 -7.39 -10.27
C LEU A 76 18.43 -8.00 -11.12
N PRO A 77 17.94 -7.13 -12.04
CA PRO A 77 16.62 -7.95 -12.86
C PRO A 77 17.84 -9.60 -13.39
N GLY A 78 18.86 -8.77 -14.43
CA GLY A 78 19.64 -10.51 -14.63
C GLY A 78 20.10 -11.20 -13.02
N THR A 79 20.22 -10.80 -12.13
CA THR A 79 20.54 -11.48 -11.02
C THR A 79 19.51 -12.45 -10.32
N LEU A 80 18.22 -11.99 -10.02
CA LEU A 80 17.11 -12.64 -9.41
C LEU A 80 16.42 -13.28 -10.08
N SER A 81 16.45 -13.74 -11.34
CA SER A 81 15.89 -14.11 -12.43
C SER A 81 15.57 -15.57 -11.70
N ASN A 82 16.23 -16.23 -11.39
CA ASN A 82 15.64 -17.86 -10.69
C ASN A 82 14.30 -17.34 -9.77
N LEU A 83 14.72 -16.81 -8.56
CA LEU A 83 14.01 -16.37 -7.59
C LEU A 83 13.25 -15.40 -8.05
N SER A 84 13.23 -14.91 -9.05
CA SER A 84 11.84 -13.69 -9.17
C SER A 84 10.61 -14.16 -9.26
N ASN A 85 10.21 -15.21 -9.74
CA ASN A 85 9.39 -16.50 -10.35
C ASN A 85 9.49 -17.69 -9.06
N LEU A 86 10.15 -18.58 -8.38
CA LEU A 86 9.77 -19.06 -7.22
C LEU A 86 8.72 -18.32 -6.59
N HIS A 87 9.10 -16.70 -6.28
CA HIS A 87 8.25 -16.04 -5.49
C HIS A 87 6.66 -15.57 -5.77
N ALA A 88 6.93 -14.78 -7.16
CA ALA A 88 6.18 -13.97 -7.89
C ALA A 88 4.64 -14.82 -7.88
N HIS A 89 4.38 -15.78 -8.65
CA HIS A 89 4.68 -16.28 -9.76
C HIS A 89 4.42 -17.83 -9.19
N LYS A 90 4.88 -18.99 -9.03
CA LYS A 90 4.83 -20.22 -8.57
C LYS A 90 4.51 -20.13 -7.12
N LEU A 91 5.01 -19.54 -6.21
CA LEU A 91 4.98 -19.01 -4.51
C LEU A 91 3.65 -18.12 -4.42
N ARG A 92 3.49 -17.16 -5.12
CA ARG A 92 2.51 -16.17 -5.19
C ARG A 92 1.90 -15.52 -4.05
N VAL A 93 2.81 -14.76 -3.26
CA VAL A 93 3.47 -14.19 -2.39
C VAL A 93 3.20 -12.81 -2.65
N ASN A 94 2.20 -12.56 -1.93
CA ASN A 94 1.36 -11.03 -1.91
C ASN A 94 2.41 -10.11 -1.51
N PRO A 95 2.35 -8.95 -2.56
CA PRO A 95 3.07 -8.04 -2.44
C PRO A 95 3.14 -7.19 -1.15
N VAL A 96 1.88 -6.86 -0.49
CA VAL A 96 1.75 -6.41 0.61
C VAL A 96 2.40 -7.17 1.67
N ASN A 97 2.70 -8.47 1.25
CA ASN A 97 3.74 -9.35 2.26
C ASN A 97 5.20 -8.90 1.89
N PHE A 98 5.72 -8.18 1.07
CA PHE A 98 7.22 -7.96 0.95
C PHE A 98 7.44 -6.99 1.80
N LYS A 99 6.90 -5.79 1.79
CA LYS A 99 6.92 -4.57 2.69
C LYS A 99 6.79 -5.12 4.28
N LEU A 100 6.52 -6.10 4.75
CA LEU A 100 6.37 -6.67 5.66
C LEU A 100 7.74 -7.14 6.04
N LEU A 101 7.98 -8.16 5.21
CA LEU A 101 9.33 -8.90 5.62
C LEU A 101 10.73 -7.92 5.93
N SER A 102 10.81 -6.75 5.28
CA SER A 102 11.63 -5.60 4.97
C SER A 102 11.50 -4.82 5.87
N HIS A 103 10.85 -4.18 6.76
CA HIS A 103 10.59 -3.46 7.88
C HIS A 103 11.14 -4.45 9.12
N SER A 104 10.77 -5.50 9.31
CA SER A 104 11.04 -6.39 10.24
C SER A 104 12.46 -6.52 10.07
N LEU A 105 13.12 -6.63 8.87
CA LEU A 105 14.84 -6.80 8.92
C LEU A 105 15.40 -5.64 9.23
N LEU A 106 14.49 -4.51 8.71
CA LEU A 106 15.30 -2.94 9.17
C LEU A 106 15.11 -2.93 10.48
N VAL A 107 14.65 -3.53 11.42
CA VAL A 107 14.22 -3.62 12.98
C VAL A 107 15.55 -4.11 13.49
N THR A 108 16.00 -5.20 13.53
CA THR A 108 16.64 -6.48 13.28
C THR A 108 18.00 -5.65 13.04
N LEU A 109 18.33 -5.32 11.64
CA LEU A 109 19.27 -4.57 11.05
C LEU A 109 20.09 -3.37 12.70
N ALA A 110 19.34 -2.46 12.68
CA ALA A 110 18.66 -1.18 13.29
C ALA A 110 18.78 -2.05 14.69
N SER A 111 18.18 -2.80 15.45
CA SER A 111 18.41 -3.49 16.68
C SER A 111 19.88 -3.85 16.76
N HIS A 112 20.91 -4.45 16.28
CA HIS A 112 22.15 -4.82 16.19
C HIS A 112 23.20 -3.93 15.74
N LEU A 113 22.82 -2.79 14.67
CA LEU A 113 23.83 -1.90 14.31
C LEU A 113 23.65 -0.81 14.43
N PRO A 114 23.27 -0.29 15.83
CA PRO A 114 22.85 1.23 16.14
C PRO A 114 23.77 1.85 16.17
N THR A 115 25.15 1.91 15.73
CA THR A 115 26.16 3.04 15.96
C THR A 115 26.20 3.89 14.77
N ASN A 116 26.20 2.99 13.74
CA ASN A 116 26.31 2.73 12.08
C ASN A 116 24.86 2.87 11.60
N PHE A 117 24.02 2.82 12.25
CA PHE A 117 22.76 3.02 11.72
C PHE A 117 21.70 4.34 11.76
N THR A 118 22.25 5.23 10.98
CA THR A 118 21.76 6.40 10.47
C THR A 118 20.41 6.80 9.55
N PRO A 119 19.97 7.98 9.75
CA PRO A 119 18.66 8.07 8.73
C PRO A 119 19.21 7.94 7.51
N ALA A 120 20.62 8.74 7.03
CA ALA A 120 21.06 8.26 6.00
C ALA A 120 21.58 6.79 6.25
N VAL A 121 22.21 5.53 6.69
CA VAL A 121 22.33 4.29 6.49
C VAL A 121 21.06 3.70 6.18
N HIS A 122 19.86 4.32 7.03
CA HIS A 122 18.58 4.08 7.15
C HIS A 122 17.68 4.37 5.68
N ALA A 123 18.05 5.27 5.11
CA ALA A 123 17.32 5.49 3.98
C ALA A 123 17.66 4.69 2.76
N ASN A 124 19.13 4.53 2.51
CA ASN A 124 19.79 3.72 1.60
C ASN A 124 19.42 2.35 1.90
N LEU A 125 19.48 1.65 2.90
CA LEU A 125 18.81 0.46 2.99
C LEU A 125 17.21 0.06 2.57
N ASN A 126 16.34 0.96 3.04
CA ASN A 126 14.95 1.10 3.10
C ASN A 126 14.57 0.82 1.37
N LYS A 127 15.22 1.47 1.00
CA LYS A 127 15.39 1.70 -0.46
C LYS A 127 16.25 0.35 -0.96
N PHE A 128 17.04 0.14 -0.93
CA PHE A 128 17.58 -0.99 -1.45
C PHE A 128 16.33 -2.14 -1.57
N LEU A 129 15.88 -2.41 -0.10
CA LEU A 129 14.84 -3.65 0.19
C LEU A 129 13.71 -3.47 -0.61
N ALA A 130 13.44 -2.13 -0.73
CA ALA A 130 12.45 -1.23 -1.61
C ALA A 130 12.47 -1.90 -3.20
N ASN A 131 13.95 -1.62 -3.28
CA ASN A 131 14.85 -2.17 -5.04
C ASN A 131 14.77 -3.63 -4.79
N ASP A 132 14.92 -4.51 -4.01
CA ASP A 132 14.63 -6.10 -3.74
C ASP A 132 13.12 -6.48 -4.34
N SER A 133 12.39 -6.09 -3.51
CA SER A 133 10.99 -6.45 -3.52
C SER A 133 10.52 -6.24 -4.80
N THR A 134 10.66 -5.10 -5.69
CA THR A 134 10.10 -4.58 -7.06
C THR A 134 11.03 -5.76 -7.91
N VAL A 135 12.09 -6.09 -8.08
CA VAL A 135 12.45 -7.07 -8.81
C VAL A 135 11.58 -8.61 -8.68
N LEU A 136 11.85 -9.09 -7.50
CA LEU A 136 10.94 -10.35 -7.20
C LEU A 136 9.17 -10.64 -7.08
N THR A 137 8.51 -9.35 -7.60
CA THR A 137 7.41 -9.18 -7.68
C THR A 137 6.99 -9.15 -9.08
N SER A 138 7.93 -8.86 -10.30
CA SER A 138 8.14 -8.66 -11.94
C SER A 138 7.05 -9.49 -12.19
N LYS A 139 6.67 -10.69 -11.99
CA LYS A 139 5.67 -11.33 -12.40
C LYS A 139 4.49 -10.30 -12.73
N TYR A 140 3.95 -9.88 -11.75
CA TYR A 140 3.15 -8.85 -11.62
C TYR A 140 3.17 -7.82 -12.58
N ARG A 141 4.19 -6.96 -12.34
CA ARG A 141 4.60 -6.04 -13.04
C ARG A 141 4.92 -6.04 -14.95
N MET B 1 -3.90 -3.72 24.48
CA MET B 1 -5.80 -4.54 24.10
C MET B 1 -5.15 -5.94 24.04
N LEU B 2 -4.78 -6.65 24.62
CA LEU B 2 -4.18 -7.70 24.11
C LEU B 2 -4.06 -8.68 25.44
N THR B 3 -2.92 -9.37 25.60
CA THR B 3 -3.11 -10.13 26.89
C THR B 3 -3.09 -8.89 27.96
N ALA B 4 -3.55 -9.10 29.26
CA ALA B 4 -3.63 -7.58 30.02
C ALA B 4 -2.03 -7.34 30.65
N GLU B 5 -1.78 -8.64 30.25
CA GLU B 5 -0.34 -9.92 30.33
C GLU B 5 0.40 -9.37 29.23
N GLU B 6 -0.10 -8.75 28.46
CA GLU B 6 0.42 -7.94 26.97
C GLU B 6 0.26 -6.62 27.32
N LYS B 7 -0.56 -5.62 27.46
CA LYS B 7 -0.62 -4.53 28.04
C LYS B 7 0.41 -3.97 29.66
N ALA B 8 0.55 -5.06 30.15
CA ALA B 8 1.36 -5.47 31.13
C ALA B 8 2.87 -4.94 30.83
N ALA B 9 3.82 -5.30 29.78
CA ALA B 9 4.83 -5.44 28.83
C ALA B 9 4.93 -4.10 28.14
N VAL B 10 3.96 -3.77 27.43
CA VAL B 10 4.12 -2.04 26.84
C VAL B 10 3.84 -0.94 27.71
N THR B 11 3.02 -1.18 28.75
CA THR B 11 3.03 -0.26 29.71
C THR B 11 4.46 0.09 30.56
N GLY B 12 5.10 -0.94 30.71
CA GLY B 12 6.36 -1.00 31.60
C GLY B 12 7.45 -0.51 30.76
N PHE B 13 7.52 -1.35 29.62
CA PHE B 13 8.67 -0.97 28.50
C PHE B 13 8.00 0.57 27.86
N TRP B 14 6.75 1.20 27.86
CA TRP B 14 6.70 2.22 27.20
C TRP B 14 7.69 3.10 27.73
N GLY B 15 7.18 3.71 29.11
CA GLY B 15 7.80 4.31 30.17
C GLY B 15 9.52 4.17 30.11
N LYS B 16 10.25 3.02 30.19
CA LYS B 16 11.87 3.33 29.89
C LYS B 16 12.18 3.90 28.86
N VAL B 17 11.62 4.25 27.79
CA VAL B 17 11.44 5.09 26.56
C VAL B 17 11.58 6.82 26.89
N ASP B 18 12.71 7.37 26.31
CA ASP B 18 12.95 8.71 26.58
C ASP B 18 12.05 9.87 25.67
N VAL B 19 10.77 9.88 25.42
CA VAL B 19 10.02 10.95 24.70
C VAL B 19 10.68 11.96 24.13
N ASP B 20 11.26 12.62 24.44
CA ASP B 20 12.17 13.62 23.60
C ASP B 20 13.03 13.26 22.75
N VAL B 21 13.40 12.66 21.76
CA VAL B 21 14.47 12.10 20.79
C VAL B 21 13.98 10.91 20.71
N VAL B 22 13.04 10.06 21.32
CA VAL B 22 12.61 8.69 20.86
C VAL B 22 11.51 9.84 19.75
N GLY B 23 11.10 10.91 20.26
CA GLY B 23 10.09 11.32 18.77
C GLY B 23 10.92 12.15 18.11
N ALA B 24 11.81 12.69 18.51
CA ALA B 24 12.81 13.60 17.50
C ALA B 24 13.40 12.90 16.30
N GLN B 25 13.68 11.65 16.96
CA GLN B 25 14.40 10.46 16.02
C GLN B 25 13.13 10.00 15.19
N ALA B 26 12.29 9.57 15.49
CA ALA B 26 11.04 8.79 14.96
C ALA B 26 10.37 9.97 13.88
N LEU B 27 10.39 11.08 14.40
CA LEU B 27 10.03 12.36 13.55
C LEU B 27 11.12 12.60 12.70
N GLY B 28 12.17 12.58 13.14
CA GLY B 28 13.56 12.69 12.62
C GLY B 28 13.73 11.91 11.28
N ARG B 29 14.02 10.53 11.35
CA ARG B 29 13.87 9.68 10.29
C ARG B 29 12.77 9.54 9.54
N LEU B 30 11.54 9.61 9.67
CA LEU B 30 10.34 9.61 9.06
C LEU B 30 10.41 10.51 7.69
N LEU B 31 11.14 11.77 8.29
CA LEU B 31 11.80 12.98 7.66
C LEU B 31 12.62 12.53 6.51
N VAL B 32 13.90 11.90 7.14
CA VAL B 32 14.59 11.77 5.39
C VAL B 32 14.39 10.55 5.26
N VAL B 33 13.73 9.33 4.88
CA VAL B 33 13.41 8.04 4.80
C VAL B 33 11.95 8.43 4.11
N TYR B 34 11.08 8.98 4.26
CA TYR B 34 9.52 9.23 3.44
C TYR B 34 9.80 10.50 2.94
N PRO B 35 10.51 11.11 2.32
CA PRO B 35 10.89 12.36 1.88
C PRO B 35 9.83 13.40 1.43
N TRP B 36 8.49 12.81 1.05
CA TRP B 36 7.25 13.31 0.57
C TRP B 36 6.38 13.92 1.69
N THR B 37 6.63 13.04 2.97
CA THR B 37 5.86 13.58 4.38
C THR B 37 6.25 15.09 4.74
N GLN B 38 7.28 15.54 4.28
CA GLN B 38 8.29 16.55 4.36
C GLN B 38 7.18 18.03 3.58
N ARG B 39 6.08 17.90 3.49
CA ARG B 39 5.25 18.53 2.93
C ARG B 39 4.48 19.23 3.60
N PHE B 40 4.31 18.31 4.62
CA PHE B 40 3.34 18.81 5.85
C PHE B 40 4.60 19.84 6.61
N PHE B 41 5.80 19.68 6.40
CA PHE B 41 6.46 20.91 7.31
C PHE B 41 7.84 22.00 6.77
N GLN B 42 6.62 23.19 6.04
CA GLN B 42 7.22 24.31 5.55
C GLN B 42 7.12 25.25 6.62
N HIS B 43 6.23 24.87 8.30
CA HIS B 43 5.66 24.34 9.33
C HIS B 43 7.28 24.50 10.06
N PHE B 44 8.47 23.99 9.33
CA PHE B 44 9.70 24.38 10.20
C PHE B 44 10.80 24.86 9.11
N GLY B 45 11.72 23.96 8.37
CA GLY B 45 12.48 25.09 7.41
C GLY B 45 13.38 23.91 6.84
N ASN B 46 14.24 23.88 7.19
CA ASN B 46 15.36 22.85 6.79
C ASN B 46 15.26 21.35 6.76
N LEU B 47 14.37 20.77 5.79
CA LEU B 47 14.37 19.23 5.63
C LEU B 47 14.99 18.98 4.25
N SER B 48 15.90 19.97 3.89
CA SER B 48 16.24 19.65 2.59
C SER B 48 17.77 19.14 2.98
N SER B 49 17.94 18.65 4.30
CA SER B 49 19.28 18.17 4.50
C SER B 49 19.20 16.80 5.59
N ALA B 50 19.79 15.71 6.00
CA ALA B 50 19.35 14.60 6.87
C ALA B 50 19.82 15.34 8.14
N GLY B 51 21.08 16.08 8.43
CA GLY B 51 21.96 16.56 9.39
C GLY B 51 20.79 17.20 10.28
N ALA B 52 20.53 18.26 9.07
CA ALA B 52 19.49 19.68 9.08
C ALA B 52 18.29 19.09 10.10
N VAL B 53 17.61 18.27 8.96
CA VAL B 53 16.08 17.92 9.36
C VAL B 53 16.25 17.38 10.80
N MET B 54 17.17 16.87 10.88
CA MET B 54 16.80 16.18 12.41
C MET B 54 16.68 16.82 13.79
N ASN B 55 17.64 17.79 14.25
CA ASN B 55 18.25 18.54 14.90
C ASN B 55 17.54 20.43 15.40
N ASN B 56 17.09 20.41 13.68
CA ASN B 56 16.13 21.41 13.16
C ASN B 56 15.19 21.76 14.38
N PRO B 57 15.42 22.16 15.93
CA PRO B 57 14.79 22.57 17.04
C PRO B 57 13.16 22.30 16.57
N LYS B 58 12.65 22.66 15.40
CA LYS B 58 11.52 22.50 15.27
C LYS B 58 11.00 21.25 15.16
N VAL B 59 11.53 20.03 14.07
CA VAL B 59 11.16 18.95 13.84
C VAL B 59 11.70 18.41 15.21
N LYS B 60 12.85 18.76 15.82
CA LYS B 60 12.88 18.30 17.25
C LYS B 60 11.48 18.26 18.19
N ALA B 61 11.02 19.33 18.69
CA ALA B 61 9.68 19.87 19.51
C ALA B 61 8.62 19.29 19.18
N HIS B 62 8.66 19.17 17.75
CA HIS B 62 7.36 18.41 16.88
C HIS B 62 7.30 17.16 17.56
N GLY B 63 8.12 16.09 17.65
CA GLY B 63 8.11 14.70 18.05
C GLY B 63 7.94 14.27 19.21
N LYS B 64 8.11 14.96 20.25
CA LYS B 64 8.43 15.51 21.80
C LYS B 64 7.31 15.07 22.11
N ARG B 65 6.35 15.85 21.76
CA ARG B 65 4.65 15.88 21.51
C ARG B 65 4.53 15.22 20.43
N VAL B 66 4.83 14.80 19.19
CA VAL B 66 4.27 13.95 18.39
C VAL B 66 4.40 12.64 19.09
N LEU B 67 4.42 12.41 20.10
CA LEU B 67 5.03 11.20 21.00
C LEU B 67 4.65 11.36 22.43
N ASP B 68 5.02 11.23 23.55
CA ASP B 68 3.96 11.00 24.59
C ASP B 68 2.55 11.85 24.39
N ALA B 69 1.54 11.89 23.68
CA ALA B 69 0.72 12.02 22.86
C ALA B 69 0.02 10.98 22.08
N PHE B 70 0.95 10.17 21.87
CA PHE B 70 0.67 8.58 21.45
C PHE B 70 0.51 7.85 22.52
N THR B 71 1.87 7.70 23.31
CA THR B 71 2.26 7.41 24.00
C THR B 71 1.94 8.41 25.22
N GLN B 72 0.91 8.54 25.67
CA GLN B 72 -0.45 9.01 26.57
C GLN B 72 -1.61 8.24 25.75
N GLY B 73 -1.54 7.45 25.15
CA GLY B 73 -2.55 6.63 24.14
C GLY B 73 -3.29 5.83 24.91
N LEU B 74 -2.42 5.01 25.04
CA LEU B 74 -2.55 3.99 26.13
C LEU B 74 -2.74 4.17 27.58
N LYS B 75 -2.68 3.90 28.45
CA LYS B 75 -3.66 4.80 30.04
C LYS B 75 -4.68 3.93 29.40
N HIS B 76 -5.64 4.95 29.22
CA HIS B 76 -6.99 4.40 28.29
C HIS B 76 -6.48 3.37 27.01
N LEU B 77 -6.13 2.71 25.75
CA LEU B 77 -5.84 2.03 24.67
C LEU B 77 -6.46 1.06 24.10
N ASP B 78 -7.53 1.25 24.51
CA ASP B 78 -8.68 1.65 25.08
C ASP B 78 -9.21 2.92 24.18
N ASP B 79 -10.39 3.06 24.60
CA ASP B 79 -11.80 3.74 24.52
C ASP B 79 -11.11 4.84 24.59
N LEU B 80 -10.93 5.50 23.47
CA LEU B 80 -11.32 5.24 22.31
C LEU B 80 -9.89 5.34 21.44
N LYS B 81 -9.80 5.90 19.83
CA LYS B 81 -10.36 6.50 18.94
C LYS B 81 -11.19 7.19 19.99
N GLY B 82 -11.16 8.19 20.69
CA GLY B 82 -11.74 8.69 21.80
C GLY B 82 -10.93 9.78 21.82
N ALA B 83 -10.05 9.60 22.08
CA ALA B 83 -8.65 9.86 22.74
C ALA B 83 -8.34 10.63 21.86
N PHE B 84 -7.70 10.42 20.63
CA PHE B 84 -7.24 10.63 19.25
C PHE B 84 -8.44 11.11 18.64
N ALA B 85 -9.87 10.65 18.67
CA ALA B 85 -10.93 11.60 18.03
C ALA B 85 -10.57 12.64 17.17
N GLN B 86 -10.07 13.84 17.34
CA GLN B 86 -9.64 14.93 17.96
C GLN B 86 -8.54 15.64 17.10
N LEU B 87 -7.22 14.96 17.23
CA LEU B 87 -6.09 15.24 16.50
C LEU B 87 -6.90 14.26 15.27
N SER B 88 -7.82 13.31 14.68
CA SER B 88 -8.36 13.00 13.49
C SER B 88 -8.41 14.08 12.87
N GLY B 89 -9.14 15.10 13.61
CA GLY B 89 -9.85 16.40 13.51
C GLY B 89 -8.99 17.05 12.31
N LEU B 90 -7.99 17.47 12.82
CA LEU B 90 -6.77 18.26 12.67
C LEU B 90 -6.01 17.60 11.29
N HIS B 91 -5.75 16.26 11.35
CA HIS B 91 -5.15 15.32 10.44
C HIS B 91 -6.02 15.31 8.99
N CYS B 92 -7.36 15.12 8.97
CA CYS B 92 -8.13 15.19 7.65
C CYS B 92 -8.33 16.79 7.44
N ASN B 93 -8.48 17.83 8.69
CA ASN B 93 -8.30 19.18 8.59
C ASN B 93 -7.34 20.10 7.77
N LYS B 94 -6.28 20.50 7.96
CA LYS B 94 -6.32 21.44 6.72
C LYS B 94 -4.78 21.07 6.01
N LEU B 95 -4.22 19.93 6.87
CA LEU B 95 -2.66 19.07 6.63
C LEU B 95 -3.12 18.44 5.40
N HIS B 96 -3.73 17.26 5.49
CA HIS B 96 -4.48 16.09 5.11
C HIS B 96 -3.88 15.16 4.70
N VAL B 97 -3.18 14.34 5.53
CA VAL B 97 -2.25 13.12 5.52
C VAL B 97 -3.18 11.89 5.23
N ASN B 98 -2.65 10.64 4.65
CA ASN B 98 -3.17 9.39 4.37
C ASN B 98 -3.01 8.69 5.57
N PRO B 99 -3.99 7.70 5.71
CA PRO B 99 -4.07 6.94 6.82
C PRO B 99 -3.04 6.03 6.99
N GLN B 100 -2.23 6.18 5.61
CA GLN B 100 -1.13 5.41 4.92
C GLN B 100 0.09 6.05 5.73
N ASN B 101 0.16 7.48 5.56
CA ASN B 101 1.40 7.92 6.27
C ASN B 101 1.14 7.61 8.07
N PHE B 102 0.08 7.43 8.45
CA PHE B 102 -0.03 6.95 9.92
C PHE B 102 0.59 5.97 10.30
N ARG B 103 0.91 4.49 9.62
CA ARG B 103 1.30 3.48 9.56
C ARG B 103 2.78 3.55 9.25
N LEU B 104 3.46 4.38 8.46
CA LEU B 104 5.16 4.70 8.36
C LEU B 104 5.67 5.10 9.45
N LEU B 105 5.42 6.14 9.88
CA LEU B 105 5.44 6.97 10.95
C LEU B 105 5.33 5.71 12.32
N GLY B 106 4.19 4.79 12.58
CA GLY B 106 4.20 4.02 13.23
C GLY B 106 5.35 2.68 13.51
N ASN B 107 6.04 2.32 12.41
CA ASN B 107 7.08 1.79 11.56
C ASN B 107 8.17 2.63 11.57
N VAL B 108 8.24 3.89 11.49
CA VAL B 108 9.52 4.55 11.94
C VAL B 108 9.95 4.45 13.59
N LEU B 109 8.95 4.81 14.32
CA LEU B 109 9.04 4.45 15.88
C LEU B 109 9.36 2.91 16.01
N ALA B 110 8.84 2.32 15.48
CA ALA B 110 9.52 0.62 15.90
C ALA B 110 11.15 0.17 15.56
N LEU B 111 11.81 1.10 14.25
CA LEU B 111 13.14 1.16 13.96
C LEU B 111 13.96 1.81 15.02
N VAL B 112 13.45 2.88 15.81
CA VAL B 112 13.80 3.84 16.81
C VAL B 112 14.46 2.94 18.03
N VAL B 113 13.23 2.57 18.38
CA VAL B 113 13.13 1.74 19.73
C VAL B 113 13.79 0.38 19.50
N ALA B 114 13.94 -0.39 18.49
CA ALA B 114 14.51 -1.34 18.21
C ALA B 114 16.14 -1.26 18.41
N ARG B 115 16.83 -0.17 18.25
CA ARG B 115 18.06 0.35 18.09
C ARG B 115 18.06 1.40 19.27
N ASN B 116 17.65 2.11 19.91
CA ASN B 116 17.84 2.72 21.05
C ASN B 116 17.95 1.40 22.19
N PHE B 117 17.10 0.68 22.30
CA PHE B 117 16.57 -0.57 23.10
C PHE B 117 17.27 -1.77 22.92
N GLY B 118 17.60 -2.12 21.70
CA GLY B 118 17.98 -2.68 21.40
C GLY B 118 17.96 -4.16 21.72
N GLY B 119 18.57 -4.83 22.32
CA GLY B 119 17.96 -6.39 22.33
C GLY B 119 16.87 -6.97 22.87
N GLN B 120 16.06 -6.24 23.49
CA GLN B 120 14.79 -6.19 24.27
C GLN B 120 13.92 -5.82 23.24
N PHE B 121 13.92 -4.95 22.14
CA PHE B 121 12.82 -4.58 21.25
C PHE B 121 13.05 -5.79 20.60
N THR B 122 12.81 -7.14 20.82
CA THR B 122 12.48 -8.65 21.14
C THR B 122 11.50 -8.91 19.94
N PRO B 123 11.05 -9.97 19.22
CA PRO B 123 9.97 -10.09 18.14
C PRO B 123 8.78 -9.97 19.00
N ASN B 124 8.30 -10.21 20.24
CA ASN B 124 7.38 -9.98 21.15
C ASN B 124 7.59 -8.73 21.77
N VAL B 125 8.70 -7.66 22.43
CA VAL B 125 8.16 -6.63 22.42
C VAL B 125 7.74 -5.82 20.77
N GLN B 126 8.32 -6.00 19.78
CA GLN B 126 8.57 -5.71 18.40
C GLN B 126 6.70 -5.86 18.25
N ALA B 127 6.33 -7.03 18.37
CA ALA B 127 5.18 -7.78 18.41
C ALA B 127 3.81 -6.97 18.83
N LEU B 128 3.75 -6.56 20.06
CA LEU B 128 2.94 -5.90 20.66
C LEU B 128 3.11 -4.20 20.23
N PHE B 129 3.85 -3.69 19.94
CA PHE B 129 4.21 -2.36 19.66
C PHE B 129 3.60 -2.09 18.40
N GLN B 130 3.77 -3.22 17.46
CA GLN B 130 3.06 -3.53 16.22
C GLN B 130 1.55 -3.35 16.28
N LYS B 131 1.10 -3.86 17.18
CA LYS B 131 -0.48 -3.75 17.33
C LYS B 131 -1.02 -2.45 17.37
N VAL B 132 -0.30 -1.80 18.63
CA VAL B 132 -0.28 -0.59 19.14
C VAL B 132 -0.25 0.30 17.89
N VAL B 133 0.56 0.45 17.01
CA VAL B 133 0.65 1.46 15.84
C VAL B 133 -0.51 0.84 14.84
N ALA B 134 -0.66 -0.15 14.60
CA ALA B 134 -1.78 -0.79 13.81
C ALA B 134 -3.15 0.12 14.26
N GLY B 135 -3.40 0.21 15.79
CA GLY B 135 -4.34 0.83 16.56
C GLY B 135 -4.49 2.41 16.50
N VAL B 136 -3.40 2.97 16.84
CA VAL B 136 -3.11 4.41 16.99
C VAL B 136 -2.97 4.70 15.21
N ALA B 137 -2.41 4.48 14.30
CA ALA B 137 -2.68 4.43 12.60
C ALA B 137 -3.95 4.27 12.16
N ASN B 138 -4.67 3.44 12.81
CA ASN B 138 -5.91 3.39 12.78
C ASN B 138 -6.75 4.14 13.44
N ALA B 139 -6.99 4.43 14.80
CA ALA B 139 -8.11 5.54 14.98
C ALA B 139 -8.14 6.75 14.38
N LEU B 140 -6.64 7.32 13.93
CA LEU B 140 -6.57 8.44 13.72
C LEU B 140 -7.30 8.78 12.41
N ALA B 141 -7.20 7.39 11.75
CA ALA B 141 -8.01 7.86 10.34
C ALA B 141 -9.45 7.33 10.07
N HIS B 142 -10.34 6.45 11.18
CA HIS B 142 -11.18 6.04 11.07
C HIS B 142 -12.03 7.28 11.11
N LYS B 143 -11.75 8.13 11.53
CA LYS B 143 -11.77 9.55 12.17
C LYS B 143 -12.12 9.99 10.98
N TYR B 144 -12.65 9.68 10.00
CA TYR B 144 -12.52 10.72 8.80
C TYR B 144 -13.77 10.65 8.30
N HIS B 145 -13.94 11.99 9.15
CA HIS B 145 -15.25 12.94 9.17
C HIS B 145 -16.33 12.29 8.84
N VAL C 1 7.95 -2.80 -16.19
CA VAL C 1 8.37 -4.38 -16.15
C VAL C 1 7.21 -4.97 -17.59
N LEU C 2 7.10 -4.92 -19.12
CA LEU C 2 6.02 -5.43 -19.47
C LEU C 2 6.10 -6.47 -20.45
N SER C 3 5.55 -7.61 -20.43
CA SER C 3 5.32 -8.56 -20.94
C SER C 3 5.06 -8.12 -22.61
N ALA C 4 5.01 -9.12 -23.28
CA ALA C 4 5.15 -8.27 -24.62
C ALA C 4 3.77 -8.79 -25.24
N ALA C 5 2.87 -9.16 -24.51
CA ALA C 5 1.54 -9.43 -25.18
C ALA C 5 1.05 -8.09 -24.31
N ASN C 6 1.61 -7.59 -23.26
CA ASN C 6 1.39 -6.54 -22.53
C ASN C 6 1.43 -5.50 -23.12
N LYS C 7 3.01 -4.90 -23.58
CA LYS C 7 2.95 -3.67 -24.62
C LYS C 7 1.84 -3.46 -25.83
N SER C 8 1.58 -4.70 -26.02
CA SER C 8 0.55 -5.21 -27.14
C SER C 8 -0.87 -4.50 -26.98
N ASN C 9 -1.14 -5.04 -25.79
CA ASN C 9 -2.39 -4.65 -25.01
C ASN C 9 -2.83 -3.29 -24.85
N VAL C 10 -2.02 -2.40 -23.86
CA VAL C 10 -1.84 -1.31 -23.46
C VAL C 10 -2.32 -0.28 -24.50
N LYS C 11 -1.67 -0.87 -25.89
CA LYS C 11 -1.74 -0.44 -27.57
C LYS C 11 -2.79 -0.68 -28.19
N ALA C 12 -3.67 -1.77 -28.65
CA ALA C 12 -4.85 -1.37 -29.36
C ALA C 12 -5.61 -0.89 -28.17
N ALA C 13 -5.63 -0.81 -26.76
CA ALA C 13 -6.36 -0.18 -25.97
C ALA C 13 -6.01 1.45 -26.12
N TRP C 14 -5.04 2.03 -25.86
CA TRP C 14 -4.60 3.14 -25.91
C TRP C 14 -4.84 3.77 -27.46
N GLY C 15 -4.59 2.81 -28.35
CA GLY C 15 -4.78 3.39 -29.92
C GLY C 15 -6.28 3.44 -30.18
N LYS C 16 -6.94 2.66 -29.27
CA LYS C 16 -8.76 2.84 -29.37
C LYS C 16 -9.14 4.14 -28.67
N VAL C 17 -8.41 4.58 -27.37
CA VAL C 17 -8.57 5.50 -26.65
C VAL C 17 -8.54 6.79 -27.99
N GLY C 18 -7.63 6.99 -28.38
CA GLY C 18 -7.83 8.05 -29.79
C GLY C 18 -7.43 9.33 -29.43
N GLY C 19 -8.09 10.37 -29.98
CA GLY C 19 -8.13 11.65 -29.85
C GLY C 19 -9.11 12.13 -28.43
N ASN C 20 -9.69 11.33 -27.85
CA ASN C 20 -10.76 11.00 -26.55
C ASN C 20 -9.85 11.17 -25.84
N ALA C 21 -8.44 10.31 -25.40
CA ALA C 21 -7.19 10.60 -24.50
C ALA C 21 -7.31 11.96 -24.06
N PRO C 22 -7.67 13.06 -24.76
CA PRO C 22 -7.69 14.48 -23.63
C PRO C 22 -8.81 14.49 -22.90
N ALA C 23 -10.07 14.26 -23.25
CA ALA C 23 -11.07 14.07 -22.29
C ALA C 23 -11.20 12.98 -21.03
N TYR C 24 -10.42 11.84 -21.34
CA TYR C 24 -9.90 10.76 -20.65
C TYR C 24 -9.18 11.41 -19.45
N GLY C 25 -8.03 12.07 -19.22
CA GLY C 25 -7.49 12.86 -17.75
C GLY C 25 -8.36 13.80 -17.41
N ALA C 26 -9.14 14.71 -17.97
CA ALA C 26 -10.05 15.38 -17.45
C ALA C 26 -10.92 14.56 -16.59
N GLN C 27 -11.49 13.56 -17.04
CA GLN C 27 -12.39 12.64 -16.42
C GLN C 27 -12.01 11.81 -15.33
N ALA C 28 -10.51 11.73 -15.47
CA ALA C 28 -10.03 10.91 -14.08
C ALA C 28 -9.73 11.35 -13.02
N LEU C 29 -9.09 12.78 -13.58
CA LEU C 29 -8.55 13.80 -12.61
C LEU C 29 -9.99 14.29 -12.04
N GLN C 30 -11.11 14.55 -12.61
CA GLN C 30 -12.12 14.99 -12.14
C GLN C 30 -12.76 13.88 -11.45
N ARG C 31 -12.65 12.52 -11.87
CA ARG C 31 -13.10 11.27 -11.11
C ARG C 31 -12.18 11.47 -9.34
N MET C 32 -10.87 11.10 -9.36
CA MET C 32 -10.37 11.21 -7.90
C MET C 32 -10.63 12.54 -6.93
N PHE C 33 -11.02 14.01 -6.99
CA PHE C 33 -10.99 15.06 -6.12
C PHE C 33 -12.09 14.67 -5.22
N LEU C 34 -13.30 14.06 -6.21
CA LEU C 34 -14.56 13.57 -5.99
C LEU C 34 -14.62 12.34 -5.05
N SER C 35 -14.25 11.15 -5.27
CA SER C 35 -13.87 9.95 -5.03
C SER C 35 -12.57 10.11 -4.35
N PHE C 36 -11.59 10.63 -4.01
CA PHE C 36 -10.38 10.57 -3.15
C PHE C 36 -9.51 11.50 -2.95
N PRO C 37 -10.61 12.66 -2.20
CA PRO C 37 -10.21 14.19 -1.83
C PRO C 37 -9.16 15.13 -1.49
N THR C 38 -8.06 14.83 -0.61
CA THR C 38 -7.03 14.71 0.18
C THR C 38 -5.96 14.72 -0.98
N THR C 39 -6.08 14.53 -2.38
CA THR C 39 -5.45 14.70 -3.35
C THR C 39 -5.66 16.08 -4.14
N LYS C 40 -6.88 16.65 -3.45
CA LYS C 40 -7.21 18.02 -4.06
C LYS C 40 -6.14 19.30 -3.90
N THR C 41 -5.44 19.01 -3.27
CA THR C 41 -4.21 19.71 -2.41
C THR C 41 -3.42 19.83 -3.11
N TYR C 42 -2.98 19.08 -4.11
CA TYR C 42 -1.95 19.07 -5.15
C TYR C 42 -2.86 20.14 -5.96
N PHE C 43 -3.79 20.67 -6.12
CA PHE C 43 -4.12 21.62 -6.81
C PHE C 43 -4.92 22.91 -6.51
N PRO C 44 -4.11 23.43 -5.74
CA PRO C 44 -4.60 25.18 -5.34
C PRO C 44 -4.22 25.99 -6.65
N HIS C 45 -3.10 26.50 -7.38
CA HIS C 45 -4.12 27.33 -8.61
C HIS C 45 -5.22 27.42 -9.03
N PHE C 46 -6.20 26.29 -9.51
CA PHE C 46 -7.62 25.91 -10.05
C PHE C 46 -8.72 25.44 -9.17
N ASP C 47 -9.64 26.06 -10.07
CA ASP C 47 -11.07 25.97 -9.77
C ASP C 47 -11.07 24.90 -10.62
N LEU C 48 -11.33 23.87 -10.24
CA LEU C 48 -11.52 22.63 -9.80
C LEU C 48 -12.53 23.14 -8.87
N SER C 49 -13.85 22.39 -9.11
CA SER C 49 -13.81 21.34 -9.92
C SER C 49 -14.89 22.14 -10.47
N HIS C 50 -15.64 21.86 -11.38
CA HIS C 50 -16.13 20.60 -12.34
C HIS C 50 -15.98 20.72 -13.89
N GLY C 51 -16.95 21.14 -14.86
CA GLY C 51 -16.32 21.09 -16.14
C GLY C 51 -15.50 22.41 -15.81
N SER C 52 -14.27 21.90 -15.89
CA SER C 52 -13.43 23.18 -15.57
C SER C 52 -12.38 23.71 -16.61
N ALA C 53 -12.26 24.88 -17.08
CA ALA C 53 -10.83 24.91 -18.00
C ALA C 53 -9.40 24.72 -17.65
N GLN C 54 -9.15 24.69 -16.12
CA GLN C 54 -7.84 24.32 -15.70
C GLN C 54 -7.60 22.59 -15.82
N GLN C 55 -8.45 21.80 -15.50
CA GLN C 55 -8.76 20.70 -15.45
C GLN C 55 -9.07 20.33 -16.85
N LYS C 56 -9.70 20.56 -18.11
CA LYS C 56 -9.65 19.94 -19.49
C LYS C 56 -8.32 20.43 -19.46
N ALA C 57 -7.52 21.65 -19.63
CA ALA C 57 -6.03 22.05 -19.74
C ALA C 57 -5.24 21.24 -19.25
N HIS C 58 -5.17 20.72 -17.90
CA HIS C 58 -4.29 19.51 -17.26
C HIS C 58 -4.73 17.92 -17.69
N GLY C 59 -5.69 17.42 -17.83
CA GLY C 59 -5.94 16.16 -18.22
C GLY C 59 -5.03 16.35 -19.89
N GLN C 60 -4.94 17.15 -20.47
CA GLN C 60 -4.24 17.17 -21.65
C GLN C 60 -2.80 16.50 -21.71
N LYS C 61 -2.07 16.94 -20.97
CA LYS C 61 -0.82 17.13 -20.18
C LYS C 61 -1.01 15.64 -19.51
N VAL C 62 -1.51 15.10 -18.68
CA VAL C 62 -1.68 13.68 -18.07
C VAL C 62 -1.88 12.97 -19.16
N ALA C 63 -2.60 12.74 -20.08
CA ALA C 63 -2.98 12.51 -21.28
C ALA C 63 -1.83 12.71 -22.29
N ASN C 64 -1.42 13.52 -23.12
CA ASN C 64 -0.17 13.52 -23.61
C ASN C 64 1.15 12.61 -23.18
N ALA C 65 1.57 12.71 -21.87
CA ALA C 65 2.69 12.03 -21.02
C ALA C 65 2.20 10.78 -21.34
N LEU C 66 1.02 10.17 -21.32
CA LEU C 66 0.82 8.80 -21.45
C LEU C 66 0.87 8.26 -22.72
N THR C 67 0.28 9.18 -23.78
CA THR C 67 0.34 8.77 -25.35
C THR C 67 1.98 8.66 -25.49
N LYS C 68 2.91 9.54 -25.27
CA LYS C 68 4.23 9.59 -25.12
C LYS C 68 4.62 8.09 -24.45
N ALA C 69 4.59 7.47 -23.23
CA ALA C 69 4.79 6.75 -22.37
C ALA C 69 4.56 5.12 -23.18
N GLN C 70 3.88 5.09 -24.06
CA GLN C 70 3.75 4.01 -24.77
C GLN C 70 3.51 3.59 -26.18
N GLY C 71 3.67 4.28 -27.17
CA GLY C 71 4.31 5.32 -27.59
C GLY C 71 5.83 4.43 -27.65
N HIS C 72 6.32 4.16 -26.31
CA HIS C 72 7.60 3.59 -26.11
C HIS C 72 8.12 2.88 -24.61
N LEU C 73 7.31 1.90 -24.89
CA LEU C 73 7.09 0.65 -24.02
C LEU C 73 8.55 -0.10 -24.39
N ASN C 74 9.64 0.37 -23.99
CA ASN C 74 11.20 -0.60 -24.23
C ASN C 74 11.97 0.02 -23.33
N ASP C 75 11.49 1.61 -22.54
CA ASP C 75 11.88 2.34 -22.11
C ASP C 75 11.03 4.12 -21.58
N LEU C 76 10.17 3.71 -20.46
CA LEU C 76 9.83 4.71 -19.81
C LEU C 76 10.86 5.54 -18.78
N PRO C 77 11.83 4.97 -18.15
CA PRO C 77 12.74 6.20 -17.56
C PRO C 77 13.20 7.11 -18.13
N GLY C 78 13.52 6.61 -19.46
CA GLY C 78 14.45 7.79 -20.17
C GLY C 78 13.15 8.56 -20.61
N THR C 79 12.25 8.02 -21.15
CA THR C 79 11.06 9.16 -21.55
C THR C 79 10.50 9.99 -20.32
N LEU C 80 10.24 9.29 -18.95
CA LEU C 80 10.04 10.18 -17.99
C LEU C 80 11.05 11.02 -16.83
N SER C 81 12.18 11.44 -16.71
CA SER C 81 13.04 11.74 -15.80
C SER C 81 12.60 13.14 -15.41
N ASN C 82 12.28 13.82 -16.86
CA ASN C 82 11.76 15.07 -16.96
C ASN C 82 10.64 15.23 -16.19
N LEU C 83 9.68 14.02 -16.43
CA LEU C 83 8.39 14.08 -15.77
C LEU C 83 8.01 14.32 -14.38
N SER C 84 7.86 13.56 -13.83
CA SER C 84 7.87 12.35 -12.84
C SER C 84 9.45 12.67 -11.88
N ASN C 85 10.57 13.23 -11.75
CA ASN C 85 10.86 13.86 -10.80
C ASN C 85 10.39 15.53 -11.36
N LEU C 86 9.90 16.64 -11.22
CA LEU C 86 8.92 17.50 -10.49
C LEU C 86 7.83 16.95 -9.80
N HIS C 87 7.19 15.67 -10.14
CA HIS C 87 6.02 15.13 -9.23
C HIS C 87 6.81 14.63 -8.52
N ALA C 88 7.98 13.81 -8.29
CA ALA C 88 8.82 13.07 -7.48
C ALA C 88 9.79 14.18 -6.94
N HIS C 89 10.73 14.70 -7.15
CA HIS C 89 11.41 15.66 -6.23
C HIS C 89 10.91 17.17 -5.99
N LYS C 90 9.97 17.63 -7.04
CA LYS C 90 9.52 19.45 -6.74
C LYS C 90 8.16 19.28 -6.24
N LEU C 91 7.19 18.42 -6.88
CA LEU C 91 5.74 18.59 -6.04
C LEU C 91 5.91 17.90 -4.72
N ARG C 92 6.44 16.56 -4.85
CA ARG C 92 6.37 15.63 -3.57
C ARG C 92 4.92 14.98 -3.09
N VAL C 93 4.52 14.58 -4.41
CA VAL C 93 3.30 13.57 -4.61
C VAL C 93 3.66 12.33 -3.99
N ASN C 94 3.30 12.11 -3.03
CA ASN C 94 3.48 10.99 -1.87
C ASN C 94 3.33 9.95 -2.65
N PRO C 95 3.96 8.67 -2.72
CA PRO C 95 3.31 7.73 -3.82
C PRO C 95 2.13 7.25 -3.56
N VAL C 96 1.15 6.93 -2.87
CA VAL C 96 -0.33 6.42 -2.71
C VAL C 96 -1.08 6.70 -3.51
N ASN C 97 -1.01 7.85 -3.86
CA ASN C 97 -1.67 8.67 -4.65
C ASN C 97 -1.85 8.41 -6.39
N PHE C 98 -0.56 7.72 -6.50
CA PHE C 98 -0.31 7.14 -7.97
C PHE C 98 -1.47 6.36 -8.86
N LYS C 99 -1.69 5.10 -7.33
CA LYS C 99 -2.63 4.06 -7.55
C LYS C 99 -3.95 4.77 -7.60
N LEU C 100 -4.21 5.98 -7.18
CA LEU C 100 -5.91 6.62 -7.33
C LEU C 100 -5.74 7.07 -8.58
N LEU C 101 -4.78 7.93 -8.97
CA LEU C 101 -5.17 8.04 -10.56
C LEU C 101 -5.40 6.81 -11.55
N SER C 102 -4.72 5.92 -11.58
CA SER C 102 -4.51 4.63 -11.87
C SER C 102 -6.02 4.21 -12.01
N HIS C 103 -6.65 3.68 -10.43
CA HIS C 103 -7.91 3.63 -10.77
C HIS C 103 -8.71 4.70 -11.43
N SER C 104 -8.69 5.96 -11.40
CA SER C 104 -9.36 7.09 -11.60
C SER C 104 -9.83 6.89 -13.29
N LEU C 105 -8.60 6.67 -14.00
CA LEU C 105 -8.26 6.54 -15.41
C LEU C 105 -8.60 4.94 -15.63
N LEU C 106 -8.42 3.86 -14.84
CA LEU C 106 -8.85 2.82 -15.28
C LEU C 106 -10.39 2.58 -15.31
N VAL C 107 -11.44 3.06 -14.67
CA VAL C 107 -12.54 3.33 -14.27
C VAL C 107 -12.52 4.50 -15.27
N THR C 108 -12.26 5.43 -15.85
CA THR C 108 -12.29 6.54 -16.64
C THR C 108 -12.28 5.38 -18.08
N LEU C 109 -11.56 4.71 -18.49
CA LEU C 109 -11.19 3.78 -19.51
C LEU C 109 -12.36 3.02 -19.89
N ALA C 110 -13.01 1.97 -19.22
CA ALA C 110 -13.60 0.89 -18.52
C ALA C 110 -15.32 2.00 -18.95
N SER C 111 -15.49 2.83 -18.50
CA SER C 111 -16.55 3.39 -18.76
C SER C 111 -16.92 3.70 -20.56
N HIS C 112 -15.43 4.06 -21.16
CA HIS C 112 -15.55 4.51 -22.62
C HIS C 112 -15.23 3.02 -23.32
N LEU C 113 -14.32 2.14 -23.11
CA LEU C 113 -14.39 1.25 -24.23
C LEU C 113 -14.54 -0.05 -23.59
N PRO C 114 -16.13 -0.19 -23.19
CA PRO C 114 -16.17 -1.60 -22.30
C PRO C 114 -16.61 -2.89 -23.18
N THR C 115 -16.54 -2.77 -24.73
CA THR C 115 -16.96 -3.81 -25.26
C THR C 115 -15.20 -4.40 -25.64
N ASN C 116 -14.37 -3.71 -25.48
CA ASN C 116 -13.17 -3.17 -25.59
C ASN C 116 -12.14 -3.46 -24.18
N PHE C 117 -12.38 -3.14 -23.28
CA PHE C 117 -11.85 -3.14 -21.96
C PHE C 117 -12.32 -4.81 -21.26
N THR C 118 -12.12 -5.64 -21.55
CA THR C 118 -11.74 -7.18 -21.60
C THR C 118 -11.07 -7.56 -20.34
N PRO C 119 -11.39 -8.70 -19.91
CA PRO C 119 -10.67 -9.06 -18.71
C PRO C 119 -8.75 -9.08 -18.92
N ALA C 120 -8.14 -9.44 -20.00
CA ALA C 120 -7.18 -9.56 -20.50
C ALA C 120 -6.82 -8.10 -21.05
N VAL C 121 -7.49 -6.86 -21.42
CA VAL C 121 -6.96 -5.47 -21.77
C VAL C 121 -7.07 -5.04 -20.19
N HIS C 122 -8.34 -5.06 -19.00
CA HIS C 122 -7.85 -4.29 -17.94
C HIS C 122 -6.78 -4.65 -17.56
N ALA C 123 -6.15 -5.90 -17.46
CA ALA C 123 -4.90 -6.57 -16.90
C ALA C 123 -3.53 -5.72 -17.24
N ASN C 124 -3.36 -5.91 -18.57
CA ASN C 124 -2.28 -5.25 -19.38
C ASN C 124 -2.37 -3.82 -18.93
N LEU C 125 -3.30 -2.80 -19.33
CA LEU C 125 -3.76 -1.41 -18.88
C LEU C 125 -3.54 -1.34 -17.50
N ASN C 126 -3.85 -1.99 -16.30
CA ASN C 126 -3.44 -2.02 -14.98
C ASN C 126 -1.71 -2.23 -14.76
N LYS C 127 -1.01 -3.01 -15.13
CA LYS C 127 0.42 -3.26 -15.13
C LYS C 127 1.34 -2.02 -15.41
N PHE C 128 0.97 -1.16 -16.63
CA PHE C 128 1.09 -0.22 -17.53
C PHE C 128 1.01 0.92 -16.34
N LEU C 129 0.25 1.34 -15.71
CA LEU C 129 -0.01 2.31 -14.84
C LEU C 129 0.53 1.59 -13.73
N ALA C 130 0.52 0.71 -12.99
CA ALA C 130 2.02 0.43 -11.84
C ALA C 130 3.07 0.75 -12.48
N ASN C 131 3.66 0.86 -13.65
CA ASN C 131 4.71 1.10 -14.11
C ASN C 131 4.90 2.49 -14.49
N ASP C 132 4.20 3.31 -14.96
CA ASP C 132 4.27 4.69 -15.31
C ASP C 132 4.49 5.32 -13.85
N SER C 133 3.97 4.88 -12.99
CA SER C 133 3.53 4.79 -11.97
C SER C 133 5.10 4.63 -11.16
N THR C 134 5.43 3.48 -11.19
CA THR C 134 6.96 3.16 -10.54
C THR C 134 7.77 4.10 -11.09
N VAL C 135 8.16 4.52 -12.07
CA VAL C 135 9.26 5.24 -12.66
C VAL C 135 8.83 6.53 -12.20
N LEU C 136 7.58 7.34 -11.97
CA LEU C 136 7.14 8.79 -11.49
C LEU C 136 7.57 8.80 -10.13
N THR C 137 7.76 7.89 -9.50
CA THR C 137 8.20 7.57 -7.89
C THR C 137 9.72 7.21 -8.28
N SER C 138 10.70 6.73 -8.66
CA SER C 138 12.05 7.06 -8.76
C SER C 138 13.08 7.65 -8.18
N LYS C 139 12.91 8.90 -8.06
CA LYS C 139 13.44 9.97 -7.47
C LYS C 139 14.06 9.57 -6.17
N TYR C 140 13.26 8.60 -5.62
CA TYR C 140 13.12 7.69 -5.08
C TYR C 140 12.23 6.48 -5.21
N ARG C 141 13.31 5.42 -4.90
CA ARG C 141 13.31 3.99 -4.67
C ARG C 141 14.59 3.49 -5.37
N MET D 1 -21.26 8.16 8.71
CA MET D 1 -20.67 9.20 7.37
C MET D 1 -21.11 7.95 6.67
N LEU D 2 -22.25 8.10 5.60
CA LEU D 2 -23.14 7.42 4.85
C LEU D 2 -23.35 8.96 4.79
N THR D 3 -23.42 10.08 5.01
CA THR D 3 -24.21 11.42 4.08
C THR D 3 -25.57 10.87 4.22
N ALA D 4 -25.80 11.76 5.11
CA ALA D 4 -27.31 10.76 4.42
C ALA D 4 -28.36 11.60 2.88
N GLU D 5 -28.44 10.80 2.26
CA GLU D 5 -28.43 10.31 1.93
C GLU D 5 -28.26 10.87 0.33
N GLU D 6 -27.42 10.19 -0.38
CA GLU D 6 -26.40 9.64 -1.14
C GLU D 6 -25.52 8.65 -0.29
N LYS D 7 -26.16 7.95 -0.51
CA LYS D 7 -26.23 6.71 0.46
C LYS D 7 -27.38 6.45 0.67
N ALA D 8 -28.10 5.76 0.42
CA ALA D 8 -28.68 4.88 0.07
C ALA D 8 -29.99 5.10 0.20
N ALA D 9 -30.49 6.30 -0.48
CA ALA D 9 -30.72 7.32 -1.59
C ALA D 9 -29.54 7.24 -2.66
N VAL D 10 -28.44 7.42 -3.19
CA VAL D 10 -27.68 6.95 -4.25
C VAL D 10 -27.28 5.40 -4.98
N THR D 11 -27.49 4.37 -3.75
CA THR D 11 -27.61 2.59 -4.13
C THR D 11 -29.40 2.44 -4.18
N GLY D 12 -30.89 2.59 -4.54
CA GLY D 12 -31.56 3.60 -5.69
C GLY D 12 -30.75 3.15 -6.84
N PHE D 13 -29.70 3.88 -6.76
CA PHE D 13 -28.65 3.34 -7.85
C PHE D 13 -28.50 1.76 -7.59
N TRP D 14 -28.12 0.70 -6.39
CA TRP D 14 -28.08 -0.34 -6.06
C TRP D 14 -28.88 -1.30 -7.32
N GLY D 15 -29.49 -2.00 -7.01
CA GLY D 15 -30.24 -3.06 -7.68
C GLY D 15 -31.09 -1.95 -8.54
N LYS D 16 -30.72 -2.31 -9.47
CA LYS D 16 -30.43 -2.34 -10.79
C LYS D 16 -29.26 -1.97 -10.99
N VAL D 17 -28.41 -3.01 -10.92
CA VAL D 17 -27.36 -3.59 -10.88
C VAL D 17 -27.92 -5.24 -10.91
N ASP D 18 -27.12 -6.32 -11.36
CA ASP D 18 -27.26 -7.51 -11.28
C ASP D 18 -26.40 -8.51 -10.73
N VAL D 19 -27.14 -9.61 -10.01
CA VAL D 19 -26.22 -10.51 -9.62
C VAL D 19 -25.72 -11.41 -10.59
N ASP D 20 -25.14 -12.39 -10.72
CA ASP D 20 -24.41 -13.50 -11.06
C ASP D 20 -23.56 -12.44 -11.85
N VAL D 21 -24.06 -11.50 -13.18
CA VAL D 21 -23.34 -10.97 -13.77
C VAL D 21 -22.57 -9.94 -13.08
N VAL D 22 -22.63 -8.90 -12.14
CA VAL D 22 -21.64 -8.26 -11.54
C VAL D 22 -20.54 -9.02 -10.89
N GLY D 23 -20.75 -9.83 -9.79
CA GLY D 23 -19.90 -10.80 -8.90
C GLY D 23 -19.16 -11.59 -9.63
N ALA D 24 -19.55 -12.14 -10.68
CA ALA D 24 -18.81 -13.16 -11.44
C ALA D 24 -17.98 -12.48 -12.18
N GLN D 25 -17.98 -11.23 -12.80
CA GLN D 25 -17.49 -10.03 -13.34
C GLN D 25 -16.49 -9.54 -12.66
N ALA D 26 -16.76 -9.05 -11.18
CA ALA D 26 -16.03 -8.44 -10.13
C ALA D 26 -14.94 -9.94 -9.69
N LEU D 27 -15.48 -11.00 -9.25
CA LEU D 27 -14.64 -11.97 -8.87
C LEU D 27 -13.72 -12.58 -9.83
N GLY D 28 -14.15 -12.29 -11.26
CA GLY D 28 -13.35 -12.79 -12.29
C GLY D 28 -12.30 -11.77 -12.76
N ARG D 29 -12.22 -10.82 -12.77
CA ARG D 29 -11.39 -9.62 -13.08
C ARG D 29 -10.36 -9.43 -12.09
N LEU D 30 -10.48 -9.59 -10.71
CA LEU D 30 -9.79 -9.52 -9.64
C LEU D 30 -8.56 -11.03 -9.59
N LEU D 31 -9.34 -12.13 -9.83
CA LEU D 31 -8.75 -13.35 -9.96
C LEU D 31 -7.86 -12.98 -11.49
N VAL D 32 -8.16 -12.67 -12.53
CA VAL D 32 -6.98 -12.45 -13.61
C VAL D 32 -6.31 -10.94 -13.05
N VAL D 33 -6.53 -9.95 -12.61
CA VAL D 33 -5.63 -9.02 -12.53
C VAL D 33 -4.38 -9.23 -11.39
N TYR D 34 -4.77 -9.57 -10.06
CA TYR D 34 -3.63 -9.61 -8.77
C TYR D 34 -3.72 -11.13 -8.82
N PRO D 35 -2.99 -11.62 -9.62
CA PRO D 35 -2.90 -13.26 -9.72
C PRO D 35 -2.72 -13.86 -8.29
N TRP D 36 -2.14 -13.33 -7.40
CA TRP D 36 -1.56 -13.87 -5.79
C TRP D 36 -3.28 -14.13 -5.37
N THR D 37 -4.37 -13.36 -6.03
CA THR D 37 -5.60 -13.68 -5.54
C THR D 37 -6.05 -15.01 -5.22
N GLN D 38 -5.88 -15.92 -6.15
CA GLN D 38 -6.02 -17.28 -6.44
C GLN D 38 -5.60 -18.43 -5.56
N ARG D 39 -4.30 -17.78 -4.95
CA ARG D 39 -3.85 -18.79 -3.93
C ARG D 39 -4.90 -19.45 -2.74
N PHE D 40 -5.56 -18.73 -2.69
CA PHE D 40 -6.73 -18.71 -1.85
C PHE D 40 -8.02 -19.36 -2.32
N PHE D 41 -8.45 -19.02 -3.42
CA PHE D 41 -9.77 -19.62 -4.13
C PHE D 41 -9.34 -20.78 -4.47
N GLN D 42 -9.02 -22.33 -3.55
CA GLN D 42 -8.56 -23.51 -4.10
C GLN D 42 -9.26 -24.64 -4.27
N HIS D 43 -10.13 -24.79 -3.95
CA HIS D 43 -11.43 -25.17 -3.84
C HIS D 43 -11.82 -25.73 -5.20
N PHE D 44 -11.82 -24.66 -6.19
CA PHE D 44 -11.90 -24.34 -7.15
C PHE D 44 -11.10 -24.86 -8.88
N GLY D 45 -10.18 -24.74 -9.51
CA GLY D 45 -9.78 -25.39 -10.76
C GLY D 45 -8.97 -24.68 -11.77
N ASN D 46 -9.75 -24.69 -12.86
CA ASN D 46 -9.00 -23.82 -14.09
C ASN D 46 -8.49 -22.49 -13.82
N LEU D 47 -7.60 -22.14 -13.50
CA LEU D 47 -7.72 -20.65 -13.40
C LEU D 47 -6.38 -20.01 -14.30
N SER D 48 -6.27 -21.00 -15.13
CA SER D 48 -5.26 -21.33 -16.28
C SER D 48 -5.35 -20.57 -17.57
N SER D 49 -5.71 -19.27 -17.49
CA SER D 49 -6.20 -18.42 -18.84
C SER D 49 -7.42 -17.71 -18.19
N ALA D 50 -7.35 -16.23 -18.45
CA ALA D 50 -8.14 -15.04 -18.09
C ALA D 50 -9.79 -15.90 -18.53
N GLY D 51 -10.28 -16.56 -19.23
CA GLY D 51 -10.49 -17.39 -20.36
C GLY D 51 -11.40 -18.04 -19.29
N ALA D 52 -10.65 -19.43 -18.28
CA ALA D 52 -11.83 -19.85 -17.75
C ALA D 52 -11.87 -19.88 -16.33
N VAL D 53 -11.23 -18.80 -15.51
CA VAL D 53 -10.95 -18.35 -14.73
C VAL D 53 -12.35 -17.54 -15.07
N MET D 54 -12.80 -17.17 -16.16
CA MET D 54 -14.00 -16.56 -16.51
C MET D 54 -14.85 -17.62 -16.57
N ASN D 55 -14.91 -19.11 -17.19
CA ASN D 55 -15.60 -19.74 -17.15
C ASN D 55 -15.99 -20.12 -15.74
N ASN D 56 -15.52 -20.52 -15.01
CA ASN D 56 -15.27 -21.05 -13.85
C ASN D 56 -16.50 -21.53 -13.16
N PRO D 57 -17.36 -22.33 -13.22
CA PRO D 57 -18.34 -22.36 -12.60
C PRO D 57 -18.10 -22.09 -11.27
N LYS D 58 -17.35 -22.51 -10.47
CA LYS D 58 -16.75 -22.49 -9.21
C LYS D 58 -16.98 -21.09 -8.89
N VAL D 59 -16.09 -20.16 -9.52
CA VAL D 59 -15.69 -18.62 -9.62
C VAL D 59 -17.42 -18.06 -9.87
N LYS D 60 -17.89 -18.00 -11.15
CA LYS D 60 -19.17 -17.72 -11.47
C LYS D 60 -20.22 -17.84 -10.15
N ALA D 61 -20.81 -18.82 -9.37
CA ALA D 61 -21.37 -18.97 -8.33
C ALA D 61 -21.18 -18.11 -7.37
N HIS D 62 -19.83 -18.43 -6.80
CA HIS D 62 -19.11 -17.57 -5.84
C HIS D 62 -19.03 -16.11 -6.03
N GLY D 63 -19.20 -15.31 -7.35
CA GLY D 63 -19.09 -14.07 -7.75
C GLY D 63 -20.59 -13.65 -7.11
N LYS D 64 -21.40 -14.16 -7.30
CA LYS D 64 -22.96 -14.17 -6.90
C LYS D 64 -23.14 -13.78 -5.33
N ARG D 65 -22.94 -14.85 -4.56
CA ARG D 65 -23.03 -14.91 -3.30
C ARG D 65 -21.87 -13.92 -2.43
N VAL D 66 -21.27 -13.62 -3.08
CA VAL D 66 -20.38 -12.61 -2.58
C VAL D 66 -21.12 -11.17 -2.71
N LEU D 67 -21.32 -11.13 -3.90
CA LEU D 67 -22.25 -9.89 -4.40
C LEU D 67 -23.88 -10.21 -3.56
N ASP D 68 -24.38 -11.11 -3.43
CA ASP D 68 -25.16 -11.29 -2.97
C ASP D 68 -24.89 -10.69 -1.27
N ALA D 69 -24.08 -10.80 -0.66
CA ALA D 69 -23.41 -10.80 0.50
C ALA D 69 -23.36 -9.30 1.37
N PHE D 70 -22.83 -8.58 0.33
CA PHE D 70 -22.80 -7.59 0.65
C PHE D 70 -23.89 -6.75 0.38
N THR D 71 -24.55 -6.42 -0.30
CA THR D 71 -25.19 -6.35 -1.35
C THR D 71 -26.41 -7.02 -1.92
N GLN D 72 -26.89 -6.72 -0.89
CA GLN D 72 -27.53 -6.76 0.53
C GLN D 72 -26.88 -5.86 1.37
N GLY D 73 -25.98 -5.59 2.37
CA GLY D 73 -25.38 -5.00 3.08
C GLY D 73 -26.06 -3.46 2.59
N LEU D 74 -26.17 -2.47 1.28
CA LEU D 74 -26.24 -1.65 0.66
C LEU D 74 -27.67 -1.29 1.57
N LYS D 75 -28.46 -2.19 1.89
CA LYS D 75 -29.52 -2.48 2.68
C LYS D 75 -29.16 -1.73 3.82
N HIS D 76 -28.79 -2.06 5.13
CA HIS D 76 -28.47 -0.94 6.40
C HIS D 76 -26.87 -0.61 6.50
N LEU D 77 -26.24 0.44 6.27
CA LEU D 77 -25.01 0.86 6.33
C LEU D 77 -24.56 1.14 7.85
N ASP D 78 -25.08 1.63 9.02
CA ASP D 78 -25.84 2.09 10.23
C ASP D 78 -24.42 1.58 11.31
N ASP D 79 -24.56 0.25 10.99
CA ASP D 79 -23.81 -0.52 11.58
C ASP D 79 -23.16 -1.76 10.74
N LEU D 80 -22.46 -1.22 9.72
CA LEU D 80 -21.76 -2.20 8.89
C LEU D 80 -20.95 -3.33 9.57
N LYS D 81 -20.19 -2.62 10.59
CA LYS D 81 -19.36 -3.79 11.37
C LYS D 81 -19.82 -5.00 11.83
N GLY D 82 -21.29 -5.10 12.03
CA GLY D 82 -22.54 -5.80 12.49
C GLY D 82 -22.30 -7.08 11.67
N ALA D 83 -23.03 -6.70 10.53
CA ALA D 83 -23.68 -7.01 9.36
C ALA D 83 -22.54 -8.39 8.74
N PHE D 84 -21.22 -7.79 8.54
CA PHE D 84 -20.42 -8.93 8.23
C PHE D 84 -19.09 -9.39 9.06
N ALA D 85 -19.73 -9.00 10.26
CA ALA D 85 -18.41 -9.46 11.79
C ALA D 85 -18.18 -10.83 11.77
N GLN D 86 -19.16 -11.43 11.47
CA GLN D 86 -19.63 -12.70 10.90
C GLN D 86 -18.53 -13.46 9.64
N LEU D 87 -18.09 -12.51 8.84
CA LEU D 87 -17.53 -12.83 8.00
C LEU D 87 -16.08 -12.25 8.18
N SER D 88 -15.82 -11.18 9.08
CA SER D 88 -14.41 -10.95 9.49
C SER D 88 -14.33 -11.82 10.41
N GLY D 89 -14.45 -12.85 10.58
CA GLY D 89 -14.23 -13.98 11.64
C GLY D 89 -13.31 -14.76 10.43
N LEU D 90 -13.57 -15.12 9.59
CA LEU D 90 -13.62 -16.15 8.32
C LEU D 90 -12.65 -15.94 7.44
N HIS D 91 -12.43 -14.38 7.30
CA HIS D 91 -11.32 -13.77 6.23
C HIS D 91 -10.18 -13.82 7.12
N CYS D 92 -10.33 -13.31 8.22
CA CYS D 92 -9.41 -13.32 9.30
C CYS D 92 -9.12 -15.11 9.80
N ASN D 93 -9.90 -15.88 10.61
CA ASN D 93 -9.61 -17.00 11.00
C ASN D 93 -9.29 -18.17 9.66
N LYS D 94 -10.25 -18.02 8.75
CA LYS D 94 -9.98 -18.77 7.78
C LYS D 94 -9.18 -18.60 6.58
N LEU D 95 -9.30 -18.09 5.82
CA LEU D 95 -8.19 -18.16 5.27
C LEU D 95 -7.11 -17.14 5.63
N HIS D 96 -7.16 -16.24 6.25
CA HIS D 96 -6.02 -15.05 6.99
C HIS D 96 -5.72 -14.07 5.46
N VAL D 97 -6.50 -13.15 5.33
CA VAL D 97 -6.47 -12.53 4.15
C VAL D 97 -5.85 -11.20 4.17
N ASN D 98 -4.99 -10.62 3.80
CA ASN D 98 -4.74 -9.38 3.93
C ASN D 98 -5.75 -8.06 3.93
N PRO D 99 -6.04 -7.21 4.94
CA PRO D 99 -7.10 -6.06 4.56
C PRO D 99 -7.28 -5.69 3.31
N GLN D 100 -6.25 -5.58 2.62
CA GLN D 100 -5.36 -4.96 1.50
C GLN D 100 -6.38 -5.48 0.34
N ASN D 101 -6.38 -6.57 0.54
CA ASN D 101 -7.44 -7.23 -0.58
C ASN D 101 -8.68 -6.93 -0.89
N PHE D 102 -8.99 -6.41 0.27
CA PHE D 102 -10.69 -5.79 0.80
C PHE D 102 -10.43 -4.71 -0.16
N ARG D 103 -9.65 -3.95 -0.30
CA ARG D 103 -9.99 -2.85 -1.29
C ARG D 103 -9.94 -2.82 -2.93
N LEU D 104 -9.28 -3.94 -3.15
CA LEU D 104 -8.87 -4.56 -4.23
C LEU D 104 -10.13 -5.12 -4.80
N LEU D 105 -10.90 -5.74 -4.42
CA LEU D 105 -12.22 -6.37 -4.92
C LEU D 105 -13.00 -5.16 -4.50
N GLY D 106 -13.16 -4.02 -3.75
CA GLY D 106 -14.20 -3.21 -3.93
C GLY D 106 -14.16 -2.34 -5.20
N ASN D 107 -12.74 -1.72 -5.51
CA ASN D 107 -12.08 -0.63 -6.63
C ASN D 107 -12.32 -1.55 -7.71
N VAL D 108 -12.04 -3.00 -7.82
CA VAL D 108 -12.82 -4.14 -9.07
C VAL D 108 -13.98 -4.08 -9.23
N LEU D 109 -15.13 -3.81 -8.23
CA LEU D 109 -16.09 -3.74 -8.15
C LEU D 109 -16.43 -2.08 -9.04
N ALA D 110 -16.15 -1.10 -8.48
CA ALA D 110 -16.02 0.55 -8.78
C ALA D 110 -15.94 0.21 -10.77
N LEU D 111 -15.22 -0.53 -11.31
CA LEU D 111 -14.74 -0.81 -12.39
C LEU D 111 -15.77 -1.91 -13.14
N VAL D 112 -16.07 -2.63 -12.83
CA VAL D 112 -16.85 -3.59 -13.34
C VAL D 112 -18.47 -2.96 -13.28
N VAL D 113 -18.74 -1.95 -12.42
CA VAL D 113 -19.95 -1.06 -11.94
C VAL D 113 -19.67 -0.31 -13.00
N ALA D 114 -18.52 0.32 -13.09
CA ALA D 114 -18.18 1.33 -14.33
C ALA D 114 -17.99 0.59 -15.63
N ARG D 115 -18.14 -0.32 -16.08
CA ARG D 115 -18.23 -0.89 -17.33
C ARG D 115 -19.41 -1.10 -17.85
N ASN D 116 -20.61 -1.92 -17.18
CA ASN D 116 -21.76 -2.36 -16.86
C ASN D 116 -22.82 -1.44 -17.27
N PHE D 117 -22.72 0.02 -16.38
CA PHE D 117 -23.40 1.21 -16.33
C PHE D 117 -22.52 2.25 -16.78
N GLY D 118 -21.30 2.53 -17.31
CA GLY D 118 -21.34 3.75 -18.31
C GLY D 118 -21.28 4.82 -17.78
N GLY D 119 -21.89 5.78 -18.31
CA GLY D 119 -22.05 7.49 -18.31
C GLY D 119 -22.75 7.54 -17.10
N GLN D 120 -23.88 6.51 -16.78
CA GLN D 120 -24.80 6.15 -15.74
C GLN D 120 -23.92 6.28 -14.61
N PHE D 121 -22.57 5.98 -14.63
CA PHE D 121 -21.54 6.13 -13.59
C PHE D 121 -20.72 7.16 -13.01
N THR D 122 -21.37 8.19 -12.69
CA THR D 122 -20.62 9.59 -12.33
C THR D 122 -19.58 9.81 -11.69
N PRO D 123 -19.08 10.98 -11.65
CA PRO D 123 -18.05 11.30 -10.82
C PRO D 123 -18.37 11.05 -8.97
N ASN D 124 -19.71 11.58 -8.93
CA ASN D 124 -20.87 11.59 -8.21
C ASN D 124 -21.08 9.77 -8.10
N VAL D 125 -21.97 8.96 -9.01
CA VAL D 125 -22.21 7.43 -8.83
C VAL D 125 -21.08 7.03 -8.55
N GLN D 126 -19.73 7.18 -9.07
CA GLN D 126 -18.48 6.40 -8.54
C GLN D 126 -18.08 6.83 -7.28
N ALA D 127 -17.81 8.14 -6.79
CA ALA D 127 -17.23 8.31 -5.51
C ALA D 127 -18.66 7.97 -4.80
N LEU D 128 -19.78 8.17 -4.49
CA LEU D 128 -20.85 7.33 -3.42
C LEU D 128 -20.10 5.78 -3.56
N PHE D 129 -20.43 5.28 -4.72
CA PHE D 129 -19.78 3.67 -4.47
C PHE D 129 -18.57 3.31 -3.98
N GLN D 130 -17.48 4.28 -4.32
CA GLN D 130 -15.95 4.54 -4.09
C GLN D 130 -16.02 4.51 -2.36
N LYS D 131 -17.01 4.98 -1.65
CA LYS D 131 -16.83 4.79 -0.14
C LYS D 131 -17.60 3.38 0.41
N VAL D 132 -18.46 2.72 -0.79
CA VAL D 132 -18.99 1.45 0.26
C VAL D 132 -17.81 0.51 0.61
N VAL D 133 -17.12 0.51 -0.30
CA VAL D 133 -15.89 -0.34 -0.36
C VAL D 133 -14.94 -0.42 0.74
N ALA D 134 -14.73 0.72 1.17
CA ALA D 134 -13.95 1.65 2.07
C ALA D 134 -14.86 0.91 3.29
N GLY D 135 -15.88 1.20 3.92
CA GLY D 135 -16.55 0.67 5.06
C GLY D 135 -16.72 -0.46 4.76
N VAL D 136 -16.98 -1.29 3.76
CA VAL D 136 -17.20 -2.55 3.65
C VAL D 136 -15.62 -3.18 3.71
N ALA D 137 -14.21 -2.85 3.28
CA ALA D 137 -13.75 -4.21 3.62
C ALA D 137 -12.72 -3.51 4.24
N ASN D 138 -12.85 -2.92 5.03
CA ASN D 138 -12.74 -1.95 6.57
C ASN D 138 -13.67 -2.27 7.28
N ALA D 139 -14.83 -2.40 7.55
CA ALA D 139 -15.63 -3.33 8.28
C ALA D 139 -14.82 -4.67 8.44
N LEU D 140 -14.41 -5.40 7.36
CA LEU D 140 -13.67 -6.62 6.98
C LEU D 140 -12.33 -6.57 7.99
N ALA D 141 -11.47 -5.71 8.19
CA ALA D 141 -10.10 -5.69 8.98
C ALA D 141 -10.69 -5.69 10.73
N HIS D 142 -12.36 -5.36 10.49
CA HIS D 142 -12.78 -5.18 12.08
C HIS D 142 -13.35 -6.44 12.19
N LYS D 143 -12.23 -6.89 12.75
CA LYS D 143 -11.23 -7.43 13.69
C LYS D 143 -10.17 -7.81 13.72
N TYR D 144 -9.72 -8.92 13.11
CA TYR D 144 -9.15 -9.93 12.69
C TYR D 144 -7.72 -10.23 13.22
N HIS D 145 -6.33 -9.78 12.83
CA HIS D 145 -5.47 -10.47 13.41
C HIS D 145 -5.06 -12.10 14.14
CHA HEM E . 11.53 -19.13 -1.08
CHB HEM E . 14.51 -15.41 -0.46
CHC HEM E . 10.79 -12.87 0.44
CHD HEM E . 8.01 -16.77 1.04
C1A HEM E . 12.68 -18.25 -1.00
C2A HEM E . 13.96 -19.13 -1.09
C3A HEM E . 14.82 -17.79 -0.96
C4A HEM E . 13.70 -16.81 -0.75
CMA HEM E . 16.55 -17.51 -1.03
CAA HEM E . 13.91 -20.71 -1.42
CBA HEM E . 15.05 -20.71 -2.74
CGA HEM E . 15.79 -22.04 -2.49
O1A HEM E . 15.62 -23.34 -1.62
O2A HEM E . 16.45 -21.88 -3.69
C1B HEM E . 13.77 -13.97 -0.15
C2B HEM E . 14.28 -13.13 -0.35
C3B HEM E . 13.15 -12.01 0.00
C4B HEM E . 11.71 -12.98 0.14
CMB HEM E . 15.71 -12.38 -0.68
CAB HEM E . 12.57 -10.78 0.26
CBB HEM E . 13.62 -10.28 0.91
C1C HEM E . 9.40 -13.64 0.92
C2C HEM E . 8.22 -13.26 1.57
C3C HEM E . 7.33 -14.47 1.89
C4C HEM E . 8.22 -15.33 1.09
CMC HEM E . 7.74 -11.76 2.04
CAC HEM E . 6.19 -14.46 2.60
CBC HEM E . 5.43 -14.15 3.07
C1D HEM E . 8.80 -17.80 0.59
C2D HEM E . 8.42 -19.52 0.77
C3D HEM E . 9.07 -19.94 0.27
C4D HEM E . 9.84 -18.71 -0.34
CMD HEM E . 7.15 -19.46 1.45
CAD HEM E . 9.48 -21.11 0.16
CBD HEM E . 10.42 -22.57 0.35
CGD HEM E . 9.37 -24.26 -0.39
O1D HEM E . 10.21 -25.15 -1.27
O2D HEM E . 8.25 -24.23 -0.03
NA HEM E . 12.73 -16.95 -0.74
NB HEM E . 12.26 -14.54 0.01
NC HEM E . 9.55 -15.03 0.50
ND HEM E . 9.92 -17.47 -0.15
FE HEM E . 11.14 -16.05 -0.04
CHA HEM F . 0.39 18.04 14.17
CHB HEM F . 1.48 15.60 9.97
CHC HEM F . 0.99 11.24 12.30
CHD HEM F . 0.37 13.35 16.35
C1A HEM F . 0.71 17.49 13.12
C2A HEM F . 0.63 18.63 11.80
C3A HEM F . 1.04 17.98 10.81
C4A HEM F . 1.22 16.26 10.94
CMA HEM F . 1.44 18.13 8.92
CAA HEM F . 0.45 20.20 12.05
CBA HEM F . 1.71 20.75 12.82
CGA HEM F . 1.51 22.26 13.24
O1A HEM F . 0.42 23.16 13.54
O2A HEM F . 2.64 22.39 13.30
C1B HEM F . 1.24 14.30 10.19
C2B HEM F . 1.84 13.05 9.30
C3B HEM F . 1.89 12.07 9.73
C4B HEM F . 1.33 12.38 11.25
CMB HEM F . 2.45 13.53 7.64
CAB HEM F . 1.97 10.69 9.06
CBB HEM F . 2.56 9.40 9.68
C1C HEM F . 0.89 11.49 13.51
C2C HEM F . 0.59 10.21 14.63
C3C HEM F . 0.49 10.81 15.68
C4C HEM F . 0.39 12.20 15.48
CMC HEM F . 0.97 9.12 13.67
CAC HEM F . 0.24 10.22 16.93
CBC HEM F . -0.56 10.42 18.05
C1D HEM F . 0.20 14.74 16.15
C2D HEM F . 0.23 15.82 17.43
C3D HEM F . -0.01 17.18 16.65
C4D HEM F . 0.37 16.68 14.79
CMD HEM F . -0.02 15.64 18.98
CAD HEM F . -0.13 18.94 16.88
CBD HEM F . 0.59 19.28 17.96
CGD HEM F . 0.04 20.45 18.49
O1D HEM F . -1.28 20.65 18.93
O2D HEM F . 0.63 21.77 19.03
NA HEM F . 1.09 16.33 12.61
NB HEM F . 1.03 13.56 11.51
NC HEM F . 0.78 12.48 14.21
ND HEM F . 0.36 15.37 14.85
FE HEM F . 0.78 14.40 13.28
CHA HEM G . 2.02 18.60 -13.10
CHB HEM G . 1.68 13.78 -15.90
CHC HEM G . -0.14 12.17 -11.77
CHD HEM G . 0.22 15.91 -9.12
C1A HEM G . 2.01 17.38 -14.21
C2A HEM G . 2.28 17.53 -15.47
C3A HEM G . 2.05 16.14 -16.18
C4A HEM G . 1.87 15.31 -15.26
CMA HEM G . 2.40 15.90 -17.19
CAA HEM G . 2.88 18.76 -16.46
CBA HEM G . 4.28 18.98 -16.06
CGA HEM G . 4.70 19.99 -17.16
O1A HEM G . 5.30 21.13 -17.56
O2A HEM G . 5.09 19.24 -18.28
C1B HEM G . 1.13 13.15 -14.92
C2B HEM G . 1.27 11.75 -14.95
C3B HEM G . 0.76 11.35 -13.71
C4B HEM G . 0.42 12.14 -12.89
CMB HEM G . 1.48 10.88 -16.13
CAB HEM G . 0.24 9.64 -13.57
CBB HEM G . 0.27 8.79 -14.13
C1C HEM G . -0.15 13.12 -10.54
C2C HEM G . -0.81 12.61 -9.05
C3C HEM G . -0.47 14.01 -8.44
C4C HEM G . 0.04 15.04 -9.38
CMC HEM G . -1.36 11.21 -8.27
CAC HEM G . -0.79 14.31 -6.94
CBC HEM G . -1.84 14.15 -6.21
C1D HEM G . 0.74 17.00 -10.02
C2D HEM G . 0.49 18.36 -9.85
C3D HEM G . 1.37 19.13 -10.93
C4D HEM G . 1.37 18.36 -11.75
CMD HEM G . 0.19 18.75 -8.74
CAD HEM G . 1.30 20.77 -10.77
CBD HEM G . 0.62 22.00 -11.62
CGD HEM G . 0.74 23.20 -11.70
O1D HEM G . 0.85 24.62 -12.80
O2D HEM G . 1.03 23.91 -10.36
NA HEM G . 1.65 15.91 -13.95
NB HEM G . 0.86 13.52 -13.46
NC HEM G . 0.12 14.18 -10.79
ND HEM G . 1.17 16.95 -11.27
FE HEM G . 0.62 15.11 -12.29
CHA HEM H . -15.89 -16.62 1.14
CHB HEM H . -10.82 -15.09 -0.49
CHC HEM H . -13.16 -10.63 -0.43
CHD HEM H . -17.38 -12.46 0.73
C1A HEM H . -14.02 -16.77 0.62
C2A HEM H . -13.31 -17.74 0.53
C3A HEM H . -12.09 -17.12 0.18
C4A HEM H . -11.96 -16.02 -0.05
CMA HEM H . -11.04 -17.78 -0.31
CAA HEM H . -14.12 -18.81 0.77
CBA HEM H . -12.89 -20.06 0.91
CGA HEM H . -13.97 -21.45 1.82
O1A HEM H . -15.14 -21.23 2.03
O2A HEM H . -13.17 -22.66 1.89
C1B HEM H . -10.96 -13.65 -0.53
C2B HEM H . -10.44 -12.65 -1.17
C3B HEM H . -11.04 -11.31 -1.17
C4B HEM H . -12.22 -11.50 -0.79
CMB HEM H . -8.84 -13.19 -1.79
CAB HEM H . -10.40 -10.13 -1.39
CBB HEM H . -10.63 -8.86 -1.96
C1C HEM H . -14.29 -10.56 -0.12
C2C HEM H . -15.04 -9.25 0.02
C3C HEM H . -16.44 -9.65 0.41
C4C HEM H . -16.17 -11.45 0.61
CMC HEM H . -14.59 -8.22 -0.21
CAC HEM H . -17.79 -9.25 0.67
CBC HEM H . -18.18 -9.18 -0.22
C1D HEM H . -17.56 -13.69 0.94
C2D HEM H . -18.62 -14.45 1.18
C3D HEM H . -18.17 -15.90 1.56
C4D HEM H . -16.53 -15.74 1.29
CMD HEM H . -19.52 -13.94 1.26
CAD HEM H . -18.64 -16.77 1.79
CBD HEM H . -18.71 -17.37 3.17
CGD HEM H . -20.71 -17.18 3.78
O1D HEM H . -21.07 -18.32 3.96
O2D HEM H . -21.43 -16.11 4.09
NA HEM H . -13.56 -15.51 0.34
NB HEM H . -12.57 -12.84 -0.13
NC HEM H . -14.93 -11.73 0.35
ND HEM H . -16.08 -14.26 0.75
FE HEM H . -14.36 -13.65 0.31
#